data_4QTQ
#
_entry.id   4QTQ
#
_cell.length_a   160.457
_cell.length_b   37.695
_cell.length_c   43.252
_cell.angle_alpha   90.00
_cell.angle_beta   92.61
_cell.angle_gamma   90.00
#
_symmetry.space_group_name_H-M   'C 1 2 1'
#
loop_
_entity.id
_entity.type
_entity.pdbx_description
1 polymer 'XAC2610 protein'
2 non-polymer 'CALCIUM ION'
3 water water
#
_entity_poly.entity_id   1
_entity_poly.type   'polypeptide(L)'
_entity_poly.pdbx_seq_one_letter_code
;MQKDLKMPSTANAKLNEQGEISADIGGIAVSVHAQSCTEDSPGIMLCNRSPVVEVTFPGAKPIALEPEALYVDSNSTFYH
GPLDDTYKKNRHSIILTDINGDGHEDVVVWSGKEGNYGGPSYSVYLFDAAQKTLVFNQSLSDITVMANGLFSVKGNMLTS
TSGDGCCIHVFDTYELKNNEAVLIERLTEDTNDPANPKKKIERLQDGEMKEVSN
;
_entity_poly.pdbx_strand_id   A
#
loop_
_chem_comp.id
_chem_comp.type
_chem_comp.name
_chem_comp.formula
CA non-polymer 'CALCIUM ION' 'Ca 2'
#
# COMPACT_ATOMS: atom_id res chain seq x y z
N LYS A 6 -19.47 1.13 6.20
CA LYS A 6 -18.07 1.04 5.65
C LYS A 6 -17.73 -0.35 5.09
N MET A 7 -18.68 -1.00 4.42
CA MET A 7 -18.50 -2.39 3.97
C MET A 7 -17.44 -2.46 2.86
N PRO A 8 -16.54 -3.44 2.93
CA PRO A 8 -15.52 -3.56 1.89
C PRO A 8 -16.10 -4.19 0.62
N SER A 9 -15.70 -3.67 -0.54
CA SER A 9 -16.11 -4.23 -1.83
C SER A 9 -14.89 -4.47 -2.73
N THR A 10 -15.00 -5.46 -3.61
CA THR A 10 -13.92 -5.81 -4.52
C THR A 10 -14.42 -6.08 -5.95
N ALA A 11 -13.49 -6.21 -6.87
CA ALA A 11 -13.82 -6.54 -8.24
C ALA A 11 -12.57 -6.98 -8.98
N ASN A 12 -12.75 -7.82 -9.98
CA ASN A 12 -11.64 -8.29 -10.80
C ASN A 12 -11.89 -7.93 -12.26
N ALA A 13 -10.82 -7.81 -13.02
CA ALA A 13 -10.88 -7.43 -14.42
C ALA A 13 -9.56 -7.78 -15.08
N LYS A 14 -9.59 -7.92 -16.40
CA LYS A 14 -8.37 -8.06 -17.21
C LYS A 14 -8.34 -7.05 -18.36
N LEU A 15 -7.13 -6.65 -18.74
CA LEU A 15 -6.95 -5.73 -19.83
C LEU A 15 -7.52 -6.33 -21.10
N ASN A 16 -8.51 -5.66 -21.68
CA ASN A 16 -9.09 -6.08 -22.96
C ASN A 16 -8.12 -5.86 -24.12
N GLU A 17 -8.60 -6.15 -25.33
CA GLU A 17 -7.80 -6.02 -26.55
C GLU A 17 -7.18 -4.62 -26.81
N GLN A 18 -7.79 -3.56 -26.27
CA GLN A 18 -7.19 -2.20 -26.35
C GLN A 18 -6.28 -1.84 -25.15
N GLY A 19 -5.96 -2.81 -24.30
CA GLY A 19 -5.18 -2.55 -23.09
C GLY A 19 -5.97 -1.68 -22.12
N GLU A 20 -7.23 -2.02 -21.89
CA GLU A 20 -8.13 -1.21 -21.08
C GLU A 20 -8.95 -2.03 -20.10
N ILE A 21 -9.13 -1.48 -18.91
CA ILE A 21 -10.06 -1.96 -17.90
C ILE A 21 -10.92 -0.78 -17.49
N SER A 22 -12.17 -1.06 -17.11
CA SER A 22 -13.07 -0.02 -16.61
C SER A 22 -14.04 -0.63 -15.60
N ALA A 23 -13.98 -0.15 -14.35
CA ALA A 23 -14.78 -0.74 -13.27
C ALA A 23 -15.35 0.33 -12.37
N ASP A 24 -16.48 0.01 -11.74
CA ASP A 24 -17.03 0.84 -10.68
C ASP A 24 -16.98 0.06 -9.37
N ILE A 25 -16.23 0.58 -8.41
CA ILE A 25 -16.02 -0.10 -7.14
C ILE A 25 -16.55 0.78 -6.02
N GLY A 26 -17.71 0.42 -5.49
CA GLY A 26 -18.33 1.19 -4.41
C GLY A 26 -18.56 2.64 -4.78
N GLY A 27 -18.97 2.87 -6.02
CA GLY A 27 -19.34 4.22 -6.47
C GLY A 27 -18.18 5.08 -6.93
N ILE A 28 -16.97 4.51 -6.93
CA ILE A 28 -15.79 5.18 -7.48
C ILE A 28 -15.45 4.46 -8.77
N ALA A 29 -15.36 5.21 -9.87
CA ALA A 29 -15.04 4.60 -11.16
C ALA A 29 -13.54 4.60 -11.34
N VAL A 30 -13.00 3.47 -11.76
CA VAL A 30 -11.57 3.35 -11.99
C VAL A 30 -11.33 2.69 -13.35
N SER A 31 -10.51 3.33 -14.17
CA SER A 31 -10.10 2.76 -15.45
CA SER A 31 -10.10 2.78 -15.45
C SER A 31 -8.59 2.65 -15.51
N VAL A 32 -8.12 1.66 -16.26
CA VAL A 32 -6.69 1.44 -16.47
C VAL A 32 -6.47 1.43 -17.98
N HIS A 33 -5.44 2.14 -18.42
CA HIS A 33 -5.02 2.13 -19.81
CA HIS A 33 -5.02 2.11 -19.83
C HIS A 33 -3.53 1.77 -19.84
N ALA A 34 -3.21 0.59 -20.34
CA ALA A 34 -1.84 0.10 -20.36
C ALA A 34 -1.62 -0.79 -21.56
N GLN A 35 -0.64 -0.44 -22.37
CA GLN A 35 -0.25 -1.20 -23.55
C GLN A 35 1.07 -1.93 -23.27
N SER A 36 1.36 -2.94 -24.07
CA SER A 36 2.67 -3.61 -24.07
C SER A 36 3.05 -4.20 -22.70
N CYS A 37 2.06 -4.71 -21.98
CA CYS A 37 2.29 -5.38 -20.73
C CYS A 37 2.88 -6.77 -21.01
N THR A 38 3.56 -7.36 -20.03
CA THR A 38 4.08 -8.71 -20.16
C THR A 38 3.65 -9.53 -18.97
N GLU A 39 3.42 -10.82 -19.18
CA GLU A 39 2.93 -11.63 -18.08
C GLU A 39 4.07 -11.97 -17.13
N ASP A 40 3.86 -11.66 -15.85
CA ASP A 40 4.88 -11.85 -14.84
C ASP A 40 4.72 -13.18 -14.11
N SER A 41 3.47 -13.59 -13.88
CA SER A 41 3.14 -14.85 -13.26
C SER A 41 1.66 -15.09 -13.57
N PRO A 42 1.14 -16.30 -13.28
CA PRO A 42 -0.25 -16.57 -13.61
C PRO A 42 -1.25 -15.50 -13.17
N GLY A 43 -2.02 -14.99 -14.13
CA GLY A 43 -3.03 -13.98 -13.86
C GLY A 43 -2.50 -12.56 -13.66
N ILE A 44 -1.19 -12.34 -13.77
CA ILE A 44 -0.59 -11.04 -13.42
C ILE A 44 0.29 -10.47 -14.54
N MET A 45 -0.12 -9.32 -15.06
CA MET A 45 0.65 -8.61 -16.06
C MET A 45 1.46 -7.48 -15.41
N LEU A 46 2.71 -7.36 -15.82
CA LEU A 46 3.53 -6.19 -15.51
C LEU A 46 3.37 -5.15 -16.64
N CYS A 47 2.82 -3.99 -16.30
CA CYS A 47 2.66 -2.89 -17.23
C CYS A 47 3.56 -1.74 -16.82
N ASN A 48 4.66 -1.57 -17.55
CA ASN A 48 5.58 -0.46 -17.25
C ASN A 48 5.91 0.45 -18.44
N ARG A 49 5.00 0.51 -19.41
CA ARG A 49 5.07 1.51 -20.46
C ARG A 49 3.92 2.50 -20.28
N SER A 50 4.20 3.48 -19.43
CA SER A 50 3.30 4.61 -19.15
C SER A 50 1.89 4.17 -18.82
N PRO A 51 1.74 3.23 -17.88
CA PRO A 51 0.39 2.84 -17.50
C PRO A 51 -0.33 4.02 -16.84
N VAL A 52 -1.63 4.13 -17.07
CA VAL A 52 -2.45 5.21 -16.50
C VAL A 52 -3.58 4.58 -15.69
N VAL A 53 -3.72 5.02 -14.45
CA VAL A 53 -4.86 4.65 -13.61
C VAL A 53 -5.67 5.92 -13.39
N GLU A 54 -6.89 5.94 -13.91
CA GLU A 54 -7.76 7.11 -13.79
C GLU A 54 -8.89 6.82 -12.81
N VAL A 55 -9.04 7.71 -11.82
CA VAL A 55 -10.00 7.55 -10.72
C VAL A 55 -10.99 8.72 -10.74
N THR A 56 -12.28 8.40 -10.74
CA THR A 56 -13.34 9.39 -10.73
C THR A 56 -14.18 9.22 -9.48
N PHE A 57 -13.94 10.04 -8.47
CA PHE A 57 -14.76 10.04 -7.25
C PHE A 57 -16.12 10.66 -7.57
N PRO A 58 -17.18 10.28 -6.84
CA PRO A 58 -18.49 10.84 -7.15
C PRO A 58 -18.51 12.36 -7.06
N GLY A 59 -19.02 13.01 -8.10
CA GLY A 59 -19.26 14.47 -8.13
C GLY A 59 -18.02 15.28 -8.47
N ALA A 60 -16.99 14.57 -8.94
CA ALA A 60 -15.66 15.12 -9.12
C ALA A 60 -15.15 14.84 -10.52
N LYS A 61 -14.21 15.67 -10.91
CA LYS A 61 -13.49 15.55 -12.14
C LYS A 61 -12.52 14.35 -12.05
N PRO A 62 -12.45 13.53 -13.11
CA PRO A 62 -11.49 12.41 -13.14
C PRO A 62 -10.06 12.85 -12.83
N ILE A 63 -9.33 12.01 -12.10
CA ILE A 63 -7.93 12.24 -11.76
C ILE A 63 -7.09 11.09 -12.36
N ALA A 64 -6.06 11.44 -13.13
CA ALA A 64 -5.17 10.44 -13.76
C ALA A 64 -3.89 10.26 -12.94
N LEU A 65 -3.56 9.01 -12.63
CA LEU A 65 -2.31 8.69 -11.98
C LEU A 65 -1.41 8.04 -13.01
N GLU A 66 -0.12 8.36 -12.94
CA GLU A 66 0.89 7.77 -13.81
C GLU A 66 1.98 7.06 -13.00
N PRO A 67 1.69 5.84 -12.50
CA PRO A 67 2.71 5.11 -11.73
C PRO A 67 3.88 4.62 -12.59
N GLU A 68 5.04 4.48 -11.97
CA GLU A 68 6.27 4.07 -12.69
C GLU A 68 6.07 2.68 -13.31
N ALA A 69 5.30 1.84 -12.65
CA ALA A 69 4.84 0.57 -13.21
C ALA A 69 3.54 0.17 -12.54
N LEU A 70 2.87 -0.84 -13.11
CA LEU A 70 1.60 -1.35 -12.58
C LEU A 70 1.53 -2.87 -12.76
N TYR A 71 1.31 -3.57 -11.66
CA TYR A 71 1.08 -5.01 -11.65
C TYR A 71 -0.41 -5.22 -11.57
N VAL A 72 -0.98 -5.71 -12.67
CA VAL A 72 -2.42 -5.96 -12.82
C VAL A 72 -2.73 -7.43 -12.58
N ASP A 73 -3.29 -7.73 -11.42
CA ASP A 73 -3.67 -9.09 -11.07
C ASP A 73 -5.15 -9.25 -11.42
N SER A 74 -5.40 -10.00 -12.48
CA SER A 74 -6.76 -10.23 -12.94
C SER A 74 -7.58 -11.11 -11.98
N ASN A 75 -6.92 -11.75 -11.01
CA ASN A 75 -7.59 -12.54 -9.97
C ASN A 75 -7.75 -11.81 -8.63
N SER A 76 -7.22 -10.57 -8.53
CA SER A 76 -7.36 -9.73 -7.33
C SER A 76 -7.09 -8.25 -7.67
N THR A 77 -7.99 -7.65 -8.43
CA THR A 77 -7.68 -6.40 -9.10
C THR A 77 -7.95 -5.17 -8.24
N PHE A 78 -9.19 -5.03 -7.77
CA PHE A 78 -9.60 -3.83 -7.03
C PHE A 78 -10.15 -4.16 -5.66
N TYR A 79 -9.79 -3.32 -4.69
CA TYR A 79 -10.35 -3.39 -3.35
C TYR A 79 -10.72 -1.98 -2.88
N HIS A 80 -11.89 -1.88 -2.26
CA HIS A 80 -12.37 -0.64 -1.68
C HIS A 80 -12.79 -0.97 -0.26
N GLY A 81 -12.09 -0.41 0.71
CA GLY A 81 -12.35 -0.68 2.10
C GLY A 81 -11.20 -0.28 2.99
N PRO A 82 -11.33 -0.55 4.30
CA PRO A 82 -10.27 -0.17 5.22
C PRO A 82 -9.07 -1.12 5.18
N LEU A 83 -7.92 -0.63 5.65
CA LEU A 83 -6.73 -1.47 5.82
C LEU A 83 -6.66 -1.99 7.27
N ASP A 84 -7.61 -2.86 7.61
CA ASP A 84 -7.62 -3.51 8.93
C ASP A 84 -6.59 -4.61 8.98
N ASP A 85 -5.82 -4.66 10.07
CA ASP A 85 -4.85 -5.74 10.30
C ASP A 85 -5.61 -7.06 10.40
N THR A 86 -6.83 -6.98 10.93
CA THR A 86 -7.75 -8.12 10.93
C THR A 86 -8.18 -8.45 9.49
N TYR A 87 -8.98 -7.59 8.87
CA TYR A 87 -9.56 -7.83 7.56
C TYR A 87 -8.65 -8.04 6.33
N LYS A 88 -7.66 -7.18 6.10
CA LYS A 88 -6.97 -7.18 4.82
C LYS A 88 -5.65 -7.96 4.89
N LYS A 89 -5.71 -9.22 4.49
CA LYS A 89 -4.53 -10.05 4.27
C LYS A 89 -4.35 -10.41 2.79
N ASN A 90 -5.25 -9.88 1.95
CA ASN A 90 -5.13 -10.02 0.50
C ASN A 90 -4.16 -9.00 -0.07
N ARG A 91 -3.79 -9.24 -1.31
CA ARG A 91 -2.99 -8.34 -2.10
C ARG A 91 -3.84 -7.98 -3.29
N HIS A 92 -4.00 -6.69 -3.56
CA HIS A 92 -4.75 -6.22 -4.71
C HIS A 92 -3.88 -5.26 -5.49
N SER A 93 -4.16 -5.12 -6.80
CA SER A 93 -3.41 -4.19 -7.64
C SER A 93 -3.72 -2.71 -7.35
N ILE A 94 -5.01 -2.40 -7.11
CA ILE A 94 -5.45 -1.01 -6.96
C ILE A 94 -6.45 -0.93 -5.82
N ILE A 95 -6.07 -0.18 -4.79
CA ILE A 95 -6.80 -0.09 -3.50
C ILE A 95 -7.28 1.35 -3.19
N LEU A 96 -8.58 1.48 -2.95
CA LEU A 96 -9.24 2.72 -2.54
C LEU A 96 -9.57 2.63 -1.04
N THR A 97 -8.96 3.52 -0.26
CA THR A 97 -9.00 3.42 1.19
C THR A 97 -8.56 4.77 1.74
N ASP A 98 -9.19 5.23 2.82
CA ASP A 98 -8.85 6.50 3.44
C ASP A 98 -7.76 6.22 4.43
N ILE A 99 -6.55 6.62 4.10
CA ILE A 99 -5.38 6.32 4.92
C ILE A 99 -5.26 7.33 6.04
N ASN A 100 -5.51 8.61 5.72
CA ASN A 100 -5.28 9.67 6.69
C ASN A 100 -6.51 10.14 7.49
N GLY A 101 -7.61 9.40 7.38
CA GLY A 101 -8.78 9.60 8.23
C GLY A 101 -9.58 10.88 8.04
N ASP A 102 -9.42 11.55 6.90
CA ASP A 102 -10.15 12.78 6.64
C ASP A 102 -11.48 12.59 5.92
N GLY A 103 -11.89 11.35 5.70
CA GLY A 103 -13.19 11.07 5.10
C GLY A 103 -13.21 10.97 3.58
N HIS A 104 -12.05 11.18 2.94
CA HIS A 104 -11.93 10.98 1.50
C HIS A 104 -10.96 9.87 1.15
N GLU A 105 -11.38 8.97 0.25
CA GLU A 105 -10.53 7.86 -0.10
C GLU A 105 -9.26 8.34 -0.79
N ASP A 106 -8.18 7.63 -0.47
CA ASP A 106 -6.91 7.77 -1.10
C ASP A 106 -6.68 6.54 -1.96
N VAL A 107 -5.55 6.47 -2.66
CA VAL A 107 -5.33 5.41 -3.63
C VAL A 107 -3.95 4.78 -3.43
N VAL A 108 -3.93 3.46 -3.49
CA VAL A 108 -2.71 2.67 -3.33
C VAL A 108 -2.59 1.75 -4.54
N VAL A 109 -1.43 1.77 -5.16
CA VAL A 109 -1.22 1.06 -6.40
C VAL A 109 -0.02 0.10 -6.26
N TRP A 110 -0.22 -1.16 -6.67
CA TRP A 110 0.86 -2.14 -6.67
C TRP A 110 1.77 -1.81 -7.84
N SER A 111 2.87 -1.12 -7.56
CA SER A 111 3.74 -0.55 -8.59
C SER A 111 5.12 -1.18 -8.71
N GLY A 112 5.53 -2.01 -7.76
CA GLY A 112 6.88 -2.56 -7.79
C GLY A 112 6.98 -3.85 -7.03
N LYS A 113 8.19 -4.37 -6.93
CA LYS A 113 8.45 -5.55 -6.13
C LYS A 113 9.69 -5.32 -5.25
N GLU A 114 9.68 -4.21 -4.53
CA GLU A 114 10.75 -3.84 -3.60
C GLU A 114 10.36 -4.17 -2.15
N GLY A 115 9.29 -4.94 -1.98
CA GLY A 115 8.94 -5.44 -0.67
C GLY A 115 9.96 -6.46 -0.24
N ASN A 116 9.84 -6.89 1.01
CA ASN A 116 10.72 -7.90 1.57
C ASN A 116 10.78 -9.15 0.68
N TYR A 117 11.98 -9.62 0.39
CA TYR A 117 12.20 -10.81 -0.43
C TYR A 117 11.53 -10.73 -1.80
N GLY A 118 11.49 -9.52 -2.36
CA GLY A 118 10.91 -9.31 -3.69
C GLY A 118 9.39 -9.30 -3.77
N GLY A 119 8.73 -9.15 -2.63
CA GLY A 119 7.26 -9.06 -2.60
C GLY A 119 6.78 -7.70 -3.08
N PRO A 120 5.46 -7.51 -3.12
CA PRO A 120 4.92 -6.26 -3.66
C PRO A 120 5.30 -5.00 -2.86
N SER A 121 5.60 -3.94 -3.60
CA SER A 121 5.71 -2.61 -3.03
C SER A 121 4.76 -1.70 -3.77
N TYR A 122 4.41 -0.60 -3.13
CA TYR A 122 3.28 0.22 -3.52
C TYR A 122 3.59 1.71 -3.64
N SER A 123 2.82 2.36 -4.51
CA SER A 123 2.78 3.80 -4.64
C SER A 123 1.51 4.24 -3.94
N VAL A 124 1.66 5.17 -3.01
CA VAL A 124 0.55 5.70 -2.23
C VAL A 124 0.27 7.15 -2.65
N TYR A 125 -1.00 7.44 -2.92
CA TYR A 125 -1.48 8.77 -3.28
C TYR A 125 -2.60 9.23 -2.35
N LEU A 126 -2.35 10.34 -1.62
CA LEU A 126 -3.38 10.91 -0.75
C LEU A 126 -4.20 11.96 -1.52
N PHE A 127 -5.50 11.94 -1.32
CA PHE A 127 -6.33 12.97 -1.88
C PHE A 127 -6.04 14.28 -1.14
N ASP A 128 -5.66 15.30 -1.91
CA ASP A 128 -5.35 16.60 -1.34
C ASP A 128 -6.57 17.46 -1.57
N ALA A 129 -7.31 17.70 -0.49
CA ALA A 129 -8.59 18.41 -0.54
C ALA A 129 -8.51 19.82 -1.13
N ALA A 130 -7.36 20.47 -0.93
CA ALA A 130 -7.12 21.81 -1.46
C ALA A 130 -7.00 21.76 -2.98
N GLN A 131 -6.12 20.89 -3.46
CA GLN A 131 -5.82 20.81 -4.88
C GLN A 131 -6.89 20.13 -5.72
N LYS A 132 -7.80 19.41 -5.07
CA LYS A 132 -8.72 18.50 -5.78
C LYS A 132 -7.93 17.54 -6.63
N THR A 133 -6.94 16.91 -6.03
CA THR A 133 -6.24 15.86 -6.72
C THR A 133 -5.60 14.87 -5.76
N LEU A 134 -4.95 13.87 -6.35
CA LEU A 134 -4.29 12.81 -5.62
C LEU A 134 -2.82 13.11 -5.74
N VAL A 135 -2.11 13.12 -4.61
CA VAL A 135 -0.70 13.52 -4.56
C VAL A 135 0.15 12.33 -4.15
N PHE A 136 1.13 11.98 -4.96
CA PHE A 136 2.03 10.89 -4.61
C PHE A 136 2.67 11.19 -3.26
N ASN A 137 2.64 10.22 -2.34
CA ASN A 137 3.23 10.39 -1.00
C ASN A 137 4.50 9.57 -0.84
N GLN A 138 5.64 10.23 -0.80
CA GLN A 138 6.92 9.54 -0.68
C GLN A 138 7.01 8.74 0.63
N SER A 139 6.68 9.39 1.76
CA SER A 139 6.86 8.75 3.06
C SER A 139 6.00 7.50 3.19
N LEU A 140 4.76 7.56 2.73
CA LEU A 140 3.88 6.40 2.82
C LEU A 140 4.30 5.26 1.88
N SER A 141 4.68 5.61 0.66
CA SER A 141 5.13 4.62 -0.32
C SER A 141 6.36 3.91 0.19
N ASP A 142 7.24 4.69 0.79
CA ASP A 142 8.48 4.18 1.35
C ASP A 142 8.28 3.15 2.47
N ILE A 143 7.18 3.23 3.21
CA ILE A 143 6.95 2.24 4.28
C ILE A 143 6.86 0.84 3.71
N THR A 144 6.36 0.71 2.47
CA THR A 144 6.10 -0.60 1.86
C THR A 144 7.38 -1.27 1.35
N VAL A 145 8.44 -0.47 1.19
CA VAL A 145 9.74 -0.97 0.74
C VAL A 145 10.37 -1.80 1.86
N MET A 146 10.80 -2.99 1.48
CA MET A 146 11.31 -4.02 2.41
C MET A 146 10.29 -4.49 3.46
N ALA A 147 9.02 -4.11 3.30
CA ALA A 147 7.98 -4.57 4.20
C ALA A 147 7.47 -5.93 3.72
N ASN A 148 6.84 -6.66 4.63
CA ASN A 148 6.23 -7.93 4.27
C ASN A 148 4.92 -7.78 3.54
N GLY A 149 4.46 -6.54 3.40
CA GLY A 149 3.28 -6.23 2.61
C GLY A 149 2.75 -4.87 3.02
N LEU A 150 1.66 -4.47 2.37
CA LEU A 150 1.03 -3.20 2.67
C LEU A 150 0.72 -3.07 4.17
N PHE A 151 0.97 -1.88 4.69
CA PHE A 151 0.67 -1.53 6.08
C PHE A 151 -0.82 -1.60 6.41
N SER A 152 -1.12 -1.66 7.71
CA SER A 152 -2.49 -1.61 8.21
C SER A 152 -2.70 -0.25 8.85
N VAL A 153 -3.93 0.26 8.83
CA VAL A 153 -4.21 1.55 9.43
C VAL A 153 -5.16 1.38 10.62
N LYS A 154 -4.84 2.06 11.72
CA LYS A 154 -5.69 2.09 12.93
C LYS A 154 -5.65 3.51 13.49
N GLY A 155 -6.73 4.26 13.31
CA GLY A 155 -6.73 5.68 13.67
C GLY A 155 -5.66 6.42 12.88
N ASN A 156 -4.82 7.18 13.59
CA ASN A 156 -3.67 7.85 12.96
C ASN A 156 -2.37 7.03 13.04
N MET A 157 -2.50 5.74 13.37
CA MET A 157 -1.34 4.84 13.49
C MET A 157 -1.31 3.83 12.34
N LEU A 158 -0.12 3.67 11.77
CA LEU A 158 0.12 2.74 10.67
C LEU A 158 1.14 1.69 11.14
N THR A 159 0.82 0.41 10.94
CA THR A 159 1.74 -0.66 11.31
C THR A 159 2.24 -1.43 10.09
N SER A 160 3.50 -1.85 10.16
CA SER A 160 4.18 -2.55 9.07
C SER A 160 5.19 -3.52 9.70
N THR A 161 5.38 -4.67 9.07
CA THR A 161 6.35 -5.64 9.57
C THR A 161 7.46 -5.88 8.57
N SER A 162 8.64 -6.12 9.09
CA SER A 162 9.78 -6.49 8.29
C SER A 162 10.57 -7.59 9.00
N GLY A 163 11.77 -7.89 8.53
CA GLY A 163 12.60 -8.94 9.14
C GLY A 163 13.27 -9.81 8.10
N ASP A 164 13.86 -10.91 8.54
CA ASP A 164 14.55 -11.84 7.63
C ASP A 164 13.70 -13.06 7.23
N GLY A 165 12.40 -13.02 7.50
CA GLY A 165 11.49 -14.12 7.14
C GLY A 165 11.75 -15.42 7.88
N CYS A 166 12.34 -15.32 9.07
CA CYS A 166 12.76 -16.48 9.84
C CYS A 166 12.62 -16.22 11.35
N CYS A 167 13.70 -15.73 11.94
CA CYS A 167 13.90 -15.56 13.38
CA CYS A 167 13.69 -15.51 13.40
C CYS A 167 14.04 -14.09 13.80
N ILE A 168 14.11 -13.19 12.83
CA ILE A 168 14.17 -11.75 13.12
C ILE A 168 12.91 -11.12 12.54
N HIS A 169 12.12 -10.52 13.41
CA HIS A 169 10.89 -9.84 13.02
C HIS A 169 10.96 -8.41 13.53
N VAL A 170 10.59 -7.47 12.66
CA VAL A 170 10.57 -6.06 13.01
C VAL A 170 9.15 -5.55 12.88
N PHE A 171 8.66 -4.88 13.91
CA PHE A 171 7.30 -4.38 13.94
C PHE A 171 7.37 -2.87 14.10
N ASP A 172 6.99 -2.17 13.04
CA ASP A 172 7.07 -0.70 12.98
C ASP A 172 5.71 -0.06 13.18
N THR A 173 5.70 1.03 13.93
CA THR A 173 4.51 1.84 14.10
C THR A 173 4.85 3.27 13.69
N TYR A 174 4.02 3.81 12.80
CA TYR A 174 4.16 5.17 12.28
C TYR A 174 2.96 5.94 12.75
N GLU A 175 3.17 7.21 13.10
CA GLU A 175 2.06 8.14 13.33
C GLU A 175 1.97 8.99 12.08
N LEU A 176 0.75 9.16 11.58
CA LEU A 176 0.52 9.97 10.41
C LEU A 176 -0.13 11.26 10.84
N LYS A 177 0.55 12.38 10.62
CA LYS A 177 -0.01 13.71 10.87
C LYS A 177 0.23 14.57 9.64
N ASN A 178 -0.86 15.02 9.02
CA ASN A 178 -0.83 15.94 7.89
C ASN A 178 0.05 15.46 6.74
N ASN A 179 -0.44 14.44 6.03
CA ASN A 179 0.24 13.87 4.87
C ASN A 179 1.66 13.35 5.13
N GLU A 180 2.02 13.16 6.40
CA GLU A 180 3.40 12.84 6.76
C GLU A 180 3.46 11.67 7.76
N ALA A 181 4.03 10.54 7.34
CA ALA A 181 4.18 9.38 8.21
C ALA A 181 5.54 9.42 8.89
N VAL A 182 5.54 9.35 10.23
CA VAL A 182 6.77 9.36 11.02
C VAL A 182 6.87 8.13 11.91
N LEU A 183 8.01 7.44 11.86
CA LEU A 183 8.21 6.26 12.69
C LEU A 183 8.28 6.69 14.15
N ILE A 184 7.48 6.05 15.00
CA ILE A 184 7.49 6.35 16.44
C ILE A 184 7.91 5.16 17.31
N GLU A 185 7.97 3.97 16.72
CA GLU A 185 8.30 2.77 17.48
C GLU A 185 8.76 1.67 16.54
N ARG A 186 9.88 1.06 16.89
CA ARG A 186 10.37 -0.11 16.19
C ARG A 186 10.67 -1.20 17.23
N LEU A 187 9.96 -2.33 17.10
CA LEU A 187 10.14 -3.49 17.97
C LEU A 187 10.86 -4.57 17.18
N THR A 188 12.07 -4.93 17.62
CA THR A 188 12.85 -5.98 16.97
C THR A 188 12.88 -7.21 17.86
N GLU A 189 12.39 -8.33 17.35
CA GLU A 189 12.42 -9.60 18.08
C GLU A 189 13.37 -10.55 17.39
N ASP A 190 14.30 -11.12 18.16
CA ASP A 190 15.30 -12.06 17.66
C ASP A 190 15.11 -13.40 18.38
N THR A 191 14.65 -14.40 17.64
CA THR A 191 14.39 -15.75 18.17
C THR A 191 15.34 -16.79 17.58
N ASN A 192 16.56 -16.37 17.22
CA ASN A 192 17.58 -17.31 16.71
C ASN A 192 17.93 -18.39 17.73
N ASP A 193 18.00 -17.98 19.00
CA ASP A 193 18.04 -18.91 20.13
CA ASP A 193 18.04 -18.91 20.13
C ASP A 193 16.65 -18.93 20.77
N PRO A 194 15.80 -19.91 20.40
CA PRO A 194 14.47 -20.03 21.00
C PRO A 194 14.46 -20.03 22.53
N ALA A 195 15.50 -20.59 23.14
CA ALA A 195 15.64 -20.63 24.59
C ALA A 195 16.07 -19.29 25.20
N ASN A 196 16.56 -18.37 24.36
CA ASN A 196 16.97 -17.03 24.78
C ASN A 196 16.48 -15.95 23.78
N PRO A 197 15.16 -15.66 23.78
CA PRO A 197 14.60 -14.65 22.88
C PRO A 197 15.00 -13.24 23.26
N LYS A 198 15.39 -12.44 22.28
CA LYS A 198 15.81 -11.07 22.52
C LYS A 198 14.81 -10.10 21.90
N LYS A 199 14.51 -9.03 22.61
CA LYS A 199 13.57 -8.03 22.16
C LYS A 199 14.20 -6.67 22.34
N LYS A 200 14.16 -5.86 21.29
CA LYS A 200 14.71 -4.52 21.34
C LYS A 200 13.61 -3.53 21.02
N ILE A 201 13.47 -2.50 21.84
CA ILE A 201 12.44 -1.49 21.67
C ILE A 201 13.11 -0.16 21.40
N GLU A 202 12.77 0.47 20.28
CA GLU A 202 13.19 1.83 20.01
C GLU A 202 11.96 2.70 19.85
N ARG A 203 12.04 3.94 20.35
CA ARG A 203 10.93 4.88 20.30
C ARG A 203 11.43 6.26 19.96
N LEU A 204 10.52 7.09 19.43
CA LEU A 204 10.85 8.43 19.02
C LEU A 204 10.87 9.30 20.26
N GLN A 205 12.02 9.90 20.54
CA GLN A 205 12.20 10.72 21.72
C GLN A 205 13.14 11.86 21.37
N ASP A 206 12.70 13.09 21.64
CA ASP A 206 13.48 14.28 21.33
C ASP A 206 13.85 14.34 19.85
N GLY A 207 12.92 13.91 18.99
CA GLY A 207 13.09 13.93 17.55
C GLY A 207 13.96 12.84 16.94
N GLU A 208 14.43 11.88 17.74
CA GLU A 208 15.21 10.76 17.20
C GLU A 208 14.74 9.44 17.76
N MET A 209 14.96 8.37 17.01
CA MET A 209 14.66 7.04 17.52
C MET A 209 15.73 6.67 18.55
N LYS A 210 15.31 6.34 19.77
CA LYS A 210 16.21 5.96 20.85
C LYS A 210 15.83 4.58 21.35
N GLU A 211 16.83 3.74 21.62
CA GLU A 211 16.56 2.49 22.33
C GLU A 211 16.12 2.77 23.76
N VAL A 212 15.13 2.03 24.23
CA VAL A 212 14.56 2.20 25.57
C VAL A 212 14.43 0.84 26.21
N SER A 213 14.49 0.77 27.54
CA SER A 213 14.36 -0.51 28.24
C SER A 213 12.92 -1.01 28.28
N ASN A 214 12.01 -0.11 28.66
CA ASN A 214 10.59 -0.44 28.87
C ASN A 214 9.79 -0.41 27.58
CA CA B . -7.88 10.65 2.70
#